data_2PLR
#
_entry.id   2PLR
#
_cell.length_a   49.523
_cell.length_b   62.873
_cell.length_c   137.332
_cell.angle_alpha   90.00
_cell.angle_beta   90.00
_cell.angle_gamma   90.00
#
_symmetry.space_group_name_H-M   'P 21 21 21'
#
loop_
_entity.id
_entity.type
_entity.pdbx_description
1 polymer 'Probable thymidylate kinase'
2 non-polymer 'CHLORIDE ION'
3 non-polymer 'PHOSPHATE ION'
4 non-polymer 'PENTAETHYLENE GLYCOL'
5 non-polymer 'TRIETHYLENE GLYCOL'
6 non-polymer 1,2-ETHANEDIOL
7 non-polymer 2,3-DIHYDROXY-1,4-DITHIOBUTANE
8 non-polymer '4-(2-HYDROXYETHYL)-1-PIPERAZINE ETHANESULFONIC ACID'
9 non-polymer DI(HYDROXYETHYL)ETHER
10 non-polymer 'TETRAETHYLENE GLYCOL'
11 water water
#
_entity_poly.entity_id   1
_entity_poly.type   'polypeptide(L)'
_entity_poly.pdbx_seq_one_letter_code
;(MSE)KKGVLIAFEGIDGSGKSSQATLLKDWIELKRDVYLTEWNSSDWIHDIIKEAKKKDLLTPLTFSLIHATDFSDRYE
RYILP(MSE)LKSGFIVISDRYIYTAYARDSVRGVDIDWVKKLYSFAIKPDITFYIRVSPDIALERIKKSKRKIKPQEAG
ADIFPGLSPEEGFLKYQGLITEVYDKLVKDENFIVIDGTKTPKEIQIQIRKFVGELIDNSF
;
_entity_poly.pdbx_strand_id   A,B
#
loop_
_chem_comp.id
_chem_comp.type
_chem_comp.name
_chem_comp.formula
1PE non-polymer 'PENTAETHYLENE GLYCOL' 'C10 H22 O6'
CL non-polymer 'CHLORIDE ION' 'Cl -1'
DTT non-polymer 2,3-DIHYDROXY-1,4-DITHIOBUTANE 'C4 H10 O2 S2'
EDO non-polymer 1,2-ETHANEDIOL 'C2 H6 O2'
EPE non-polymer '4-(2-HYDROXYETHYL)-1-PIPERAZINE ETHANESULFONIC ACID' 'C8 H18 N2 O4 S'
PEG non-polymer DI(HYDROXYETHYL)ETHER 'C4 H10 O3'
PG4 non-polymer 'TETRAETHYLENE GLYCOL' 'C8 H18 O5'
PGE non-polymer 'TRIETHYLENE GLYCOL' 'C6 H14 O4'
PO4 non-polymer 'PHOSPHATE ION' 'O4 P -3'
#
# COMPACT_ATOMS: atom_id res chain seq x y z
N LYS A 2 -1.21 32.62 -6.09
CA LYS A 2 -1.77 32.75 -4.71
C LYS A 2 -2.12 31.38 -4.14
N LYS A 3 -2.83 30.57 -4.92
CA LYS A 3 -3.22 29.23 -4.49
C LYS A 3 -2.59 28.16 -5.37
N GLY A 4 -2.22 27.04 -4.75
CA GLY A 4 -1.61 25.96 -5.49
C GLY A 4 -2.63 25.32 -6.41
N VAL A 5 -2.16 24.77 -7.53
CA VAL A 5 -3.05 24.13 -8.49
C VAL A 5 -2.38 22.86 -9.00
N LEU A 6 -3.16 21.77 -9.06
CA LEU A 6 -2.66 20.49 -9.54
C LEU A 6 -3.25 20.18 -10.91
N ILE A 7 -2.38 20.04 -11.90
CA ILE A 7 -2.79 19.75 -13.27
C ILE A 7 -2.23 18.39 -13.68
N ALA A 8 -3.11 17.46 -14.03
CA ALA A 8 -2.67 16.13 -14.43
C ALA A 8 -2.90 15.86 -15.91
N PHE A 9 -2.01 15.04 -16.46
CA PHE A 9 -2.10 14.61 -17.85
C PHE A 9 -2.13 13.09 -17.83
N GLU A 10 -3.07 12.51 -18.57
CA GLU A 10 -3.18 11.07 -18.66
C GLU A 10 -3.25 10.72 -20.14
N GLY A 11 -2.69 9.57 -20.49
CA GLY A 11 -2.69 9.14 -21.87
C GLY A 11 -1.78 7.95 -22.02
N ILE A 12 -1.90 7.23 -23.13
CA ILE A 12 -1.06 6.08 -23.35
C ILE A 12 0.32 6.47 -23.86
N ASP A 13 1.25 5.51 -23.82
CA ASP A 13 2.59 5.78 -24.32
C ASP A 13 2.44 6.07 -25.81
N GLY A 14 3.02 7.17 -26.27
CA GLY A 14 2.92 7.54 -27.67
C GLY A 14 1.80 8.52 -27.96
N SER A 15 1.02 8.84 -26.94
CA SER A 15 -0.11 9.76 -27.10
C SER A 15 0.37 11.20 -27.17
N GLY A 16 1.56 11.45 -26.63
CA GLY A 16 2.11 12.79 -26.64
C GLY A 16 1.79 13.56 -25.37
N LYS A 17 1.18 12.91 -24.38
CA LYS A 17 0.85 13.64 -23.15
C LYS A 17 2.09 14.18 -22.44
N SER A 18 3.23 13.52 -22.59
CA SER A 18 4.46 13.98 -21.94
C SER A 18 4.90 15.31 -22.55
N SER A 19 4.83 15.39 -23.88
CA SER A 19 5.21 16.61 -24.59
C SER A 19 4.28 17.75 -24.21
N GLN A 20 3.00 17.43 -24.06
CA GLN A 20 2.00 18.44 -23.70
C GLN A 20 2.24 18.96 -22.29
N ALA A 21 2.63 18.06 -21.38
CA ALA A 21 2.89 18.46 -20.01
C ALA A 21 4.11 19.38 -19.98
N THR A 22 5.13 19.04 -20.76
CA THR A 22 6.35 19.84 -20.80
C THR A 22 6.05 21.20 -21.43
N LEU A 23 5.29 21.20 -22.52
CA LEU A 23 4.94 22.45 -23.18
C LEU A 23 4.14 23.37 -22.25
N LEU A 24 3.26 22.79 -21.44
CA LEU A 24 2.47 23.59 -20.52
C LEU A 24 3.37 24.19 -19.44
N LYS A 25 4.33 23.40 -18.97
CA LYS A 25 5.26 23.88 -17.95
C LYS A 25 6.04 25.08 -18.51
N ASP A 26 6.51 24.94 -19.75
CA ASP A 26 7.28 25.99 -20.41
C ASP A 26 6.53 27.31 -20.47
N TRP A 27 5.21 27.24 -20.65
CA TRP A 27 4.37 28.41 -20.73
C TRP A 27 4.06 28.98 -19.35
N ILE A 28 3.63 28.12 -18.43
CA ILE A 28 3.28 28.57 -17.08
C ILE A 28 4.46 29.20 -16.33
N GLU A 29 5.65 28.63 -16.50
CA GLU A 29 6.83 29.13 -15.79
C GLU A 29 7.23 30.55 -16.19
N LEU A 30 6.64 31.05 -17.27
CA LEU A 30 6.94 32.41 -17.73
C LEU A 30 6.28 33.42 -16.81
N LYS A 31 5.30 32.97 -16.02
CA LYS A 31 4.58 33.86 -15.11
C LYS A 31 4.48 33.36 -13.68
N ARG A 32 4.46 32.04 -13.48
CA ARG A 32 4.32 31.49 -12.14
C ARG A 32 5.28 30.35 -11.79
N ASP A 33 5.41 30.08 -10.51
CA ASP A 33 6.26 28.99 -10.02
C ASP A 33 5.54 27.70 -10.39
N VAL A 34 6.25 26.80 -11.05
CA VAL A 34 5.65 25.53 -11.46
C VAL A 34 6.63 24.38 -11.31
N TYR A 35 6.09 23.22 -10.98
CA TYR A 35 6.90 22.02 -10.82
C TYR A 35 6.29 20.91 -11.66
N LEU A 36 7.12 20.31 -12.51
CA LEU A 36 6.68 19.22 -13.38
C LEU A 36 7.24 17.89 -12.94
N THR A 37 6.36 16.92 -12.70
CA THR A 37 6.80 15.60 -12.27
C THR A 37 6.12 14.55 -13.14
N GLU A 38 6.59 13.31 -13.02
CA GLU A 38 6.04 12.21 -13.79
C GLU A 38 5.69 11.07 -12.85
N TRP A 39 4.57 10.39 -13.11
CA TRP A 39 4.18 9.27 -12.27
C TRP A 39 5.30 8.22 -12.28
N ASN A 40 5.88 8.00 -13.45
CA ASN A 40 6.95 7.02 -13.61
C ASN A 40 8.21 7.30 -12.81
N SER A 41 8.36 8.53 -12.33
CA SER A 41 9.55 8.92 -11.56
C SER A 41 9.48 8.42 -10.12
N SER A 42 9.53 7.10 -9.95
CA SER A 42 9.50 6.46 -8.63
C SER A 42 10.69 6.91 -7.79
N ASP A 43 10.55 6.82 -6.47
CA ASP A 43 11.62 7.26 -5.59
C ASP A 43 12.33 6.14 -4.82
N TRP A 44 12.82 6.47 -3.62
CA TRP A 44 13.60 5.53 -2.84
C TRP A 44 12.92 4.31 -2.22
N ILE A 45 11.70 4.45 -1.71
CA ILE A 45 11.03 3.30 -1.12
C ILE A 45 10.80 2.24 -2.20
N HIS A 46 10.34 2.68 -3.36
CA HIS A 46 10.11 1.81 -4.51
C HIS A 46 11.36 0.97 -4.76
N ASP A 47 12.52 1.61 -4.79
CA ASP A 47 13.76 0.91 -5.04
C ASP A 47 14.18 -0.06 -3.94
N ILE A 48 14.01 0.34 -2.68
CA ILE A 48 14.39 -0.55 -1.59
C ILE A 48 13.58 -1.84 -1.58
N ILE A 49 12.26 -1.72 -1.72
CA ILE A 49 11.43 -2.91 -1.69
C ILE A 49 11.63 -3.82 -2.90
N LYS A 50 11.67 -3.25 -4.09
CA LYS A 50 11.86 -4.07 -5.28
C LYS A 50 13.21 -4.76 -5.32
N GLU A 51 14.26 -4.10 -4.84
CA GLU A 51 15.56 -4.75 -4.86
C GLU A 51 15.59 -5.87 -3.81
N ALA A 52 15.04 -5.59 -2.64
CA ALA A 52 15.01 -6.57 -1.56
C ALA A 52 14.28 -7.84 -1.99
N LYS A 53 13.25 -7.68 -2.82
CA LYS A 53 12.45 -8.81 -3.28
C LYS A 53 12.73 -9.23 -4.71
N LYS A 54 13.90 -8.87 -5.23
CA LYS A 54 14.24 -9.18 -6.61
C LYS A 54 14.24 -10.66 -6.97
N LYS A 55 14.45 -11.53 -5.99
CA LYS A 55 14.46 -12.97 -6.26
C LYS A 55 13.09 -13.62 -6.09
N ASP A 56 12.13 -12.85 -5.62
CA ASP A 56 10.76 -13.35 -5.41
C ASP A 56 9.82 -12.85 -6.50
N LEU A 57 8.83 -13.67 -6.85
CA LEU A 57 7.85 -13.28 -7.86
C LEU A 57 6.72 -12.55 -7.16
N LEU A 58 6.59 -11.25 -7.40
CA LEU A 58 5.56 -10.44 -6.77
C LEU A 58 4.24 -10.45 -7.52
N THR A 59 3.14 -10.34 -6.77
CA THR A 59 1.81 -10.33 -7.35
C THR A 59 1.37 -8.91 -7.70
N PRO A 60 0.33 -8.79 -8.54
CA PRO A 60 -0.16 -7.46 -8.92
C PRO A 60 -0.55 -6.65 -7.68
N LEU A 61 -1.14 -7.30 -6.70
CA LEU A 61 -1.55 -6.62 -5.46
C LEU A 61 -0.34 -6.02 -4.73
N THR A 62 0.73 -6.80 -4.61
CA THR A 62 1.91 -6.30 -3.93
C THR A 62 2.55 -5.15 -4.71
N PHE A 63 2.58 -5.26 -6.04
CA PHE A 63 3.13 -4.17 -6.85
C PHE A 63 2.28 -2.93 -6.65
N SER A 64 0.96 -3.11 -6.62
CA SER A 64 0.04 -1.99 -6.43
C SER A 64 0.37 -1.28 -5.11
N LEU A 65 0.65 -2.05 -4.07
CA LEU A 65 0.97 -1.47 -2.78
C LEU A 65 2.36 -0.83 -2.74
N ILE A 66 3.33 -1.44 -3.41
CA ILE A 66 4.67 -0.86 -3.45
C ILE A 66 4.58 0.53 -4.09
N HIS A 67 3.87 0.62 -5.20
CA HIS A 67 3.74 1.89 -5.89
C HIS A 67 2.98 2.92 -5.04
N ALA A 68 1.91 2.49 -4.38
CA ALA A 68 1.13 3.42 -3.55
C ALA A 68 1.99 3.91 -2.37
N THR A 69 2.79 3.00 -1.82
CA THR A 69 3.65 3.34 -0.69
C THR A 69 4.66 4.39 -1.14
N ASP A 70 5.32 4.12 -2.25
CA ASP A 70 6.30 5.06 -2.77
C ASP A 70 5.65 6.40 -3.06
N PHE A 71 4.47 6.38 -3.68
CA PHE A 71 3.80 7.62 -3.98
C PHE A 71 3.38 8.39 -2.73
N SER A 72 2.96 7.68 -1.68
CA SER A 72 2.54 8.37 -0.46
C SER A 72 3.69 9.21 0.08
N ASP A 73 4.92 8.73 -0.09
CA ASP A 73 6.08 9.47 0.37
C ASP A 73 6.35 10.65 -0.56
N ARG A 74 6.31 10.42 -1.86
CA ARG A 74 6.53 11.51 -2.82
C ARG A 74 5.49 12.60 -2.60
N TYR A 75 4.27 12.18 -2.30
CA TYR A 75 3.16 13.08 -2.08
C TYR A 75 3.38 14.02 -0.88
N GLU A 76 3.76 13.46 0.25
CA GLU A 76 3.99 14.24 1.46
C GLU A 76 5.32 14.98 1.44
N ARG A 77 6.31 14.41 0.77
CA ARG A 77 7.65 15.01 0.70
C ARG A 77 7.80 16.13 -0.31
N TYR A 78 7.21 15.95 -1.50
CA TYR A 78 7.34 16.95 -2.56
C TYR A 78 6.07 17.63 -3.05
N ILE A 79 5.12 16.82 -3.52
CA ILE A 79 3.90 17.34 -4.10
C ILE A 79 3.00 18.20 -3.23
N LEU A 80 2.53 17.67 -2.11
CA LEU A 80 1.64 18.42 -1.25
C LEU A 80 2.28 19.70 -0.69
N PRO A 81 3.56 19.63 -0.28
CA PRO A 81 4.22 20.84 0.25
C PRO A 81 4.25 21.95 -0.80
N MSE A 82 4.56 21.59 -2.03
CA MSE A 82 4.63 22.58 -3.10
C MSE A 82 3.27 23.20 -3.40
O MSE A 82 3.17 24.41 -3.64
CB MSE A 82 5.21 21.95 -4.37
CG MSE A 82 6.60 21.41 -4.16
SE MSE A 82 7.63 21.28 -5.76
CE MSE A 82 8.61 22.93 -5.59
N LEU A 83 2.21 22.40 -3.38
CA LEU A 83 0.88 22.91 -3.63
C LEU A 83 0.48 23.89 -2.52
N LYS A 84 0.78 23.53 -1.28
CA LYS A 84 0.45 24.37 -0.14
C LYS A 84 1.23 25.68 -0.20
N SER A 85 2.38 25.65 -0.88
CA SER A 85 3.22 26.83 -1.01
C SER A 85 2.81 27.72 -2.18
N GLY A 86 1.77 27.31 -2.92
CA GLY A 86 1.30 28.12 -4.03
C GLY A 86 1.84 27.73 -5.39
N PHE A 87 2.59 26.64 -5.45
CA PHE A 87 3.17 26.16 -6.70
C PHE A 87 2.08 25.55 -7.57
N ILE A 88 2.28 25.61 -8.88
CA ILE A 88 1.36 24.94 -9.78
C ILE A 88 2.13 23.65 -10.04
N VAL A 89 1.50 22.51 -9.81
CA VAL A 89 2.16 21.23 -10.03
C VAL A 89 1.54 20.53 -11.24
N ILE A 90 2.39 20.12 -12.17
CA ILE A 90 1.94 19.41 -13.36
C ILE A 90 2.44 17.98 -13.24
N SER A 91 1.53 17.03 -13.34
CA SER A 91 1.91 15.62 -13.23
C SER A 91 1.69 14.89 -14.55
N ASP A 92 2.77 14.44 -15.17
CA ASP A 92 2.71 13.68 -16.41
C ASP A 92 2.39 12.27 -15.94
N ARG A 93 1.09 11.95 -15.94
CA ARG A 93 0.50 10.71 -15.45
C ARG A 93 0.36 10.92 -13.93
N TYR A 94 -0.80 10.59 -13.40
CA TYR A 94 -1.09 10.75 -11.97
C TYR A 94 -1.66 9.43 -11.44
N ILE A 95 -2.43 9.49 -10.36
CA ILE A 95 -2.98 8.27 -9.77
C ILE A 95 -3.82 7.41 -10.71
N TYR A 96 -4.40 8.04 -11.73
CA TYR A 96 -5.23 7.29 -12.68
C TYR A 96 -4.43 6.26 -13.46
N THR A 97 -3.14 6.51 -13.60
CA THR A 97 -2.28 5.57 -14.30
C THR A 97 -2.16 4.31 -13.44
N ALA A 98 -2.13 4.49 -12.12
CA ALA A 98 -2.07 3.33 -11.22
C ALA A 98 -3.41 2.60 -11.29
N TYR A 99 -4.51 3.34 -11.35
CA TYR A 99 -5.84 2.73 -11.45
C TYR A 99 -5.83 1.78 -12.64
N ALA A 100 -5.31 2.28 -13.77
CA ALA A 100 -5.26 1.49 -15.00
C ALA A 100 -4.29 0.31 -14.95
N ARG A 101 -3.04 0.57 -14.60
CA ARG A 101 -2.04 -0.49 -14.54
C ARG A 101 -2.43 -1.59 -13.56
N ASP A 102 -3.00 -1.22 -12.43
CA ASP A 102 -3.38 -2.20 -11.42
C ASP A 102 -4.65 -2.97 -11.79
N SER A 103 -5.69 -2.26 -12.25
CA SER A 103 -6.94 -2.92 -12.58
C SER A 103 -6.85 -3.83 -13.80
N VAL A 104 -5.98 -3.49 -14.74
CA VAL A 104 -5.80 -4.33 -15.93
C VAL A 104 -5.14 -5.64 -15.50
N ARG A 105 -4.47 -5.60 -14.35
CA ARG A 105 -3.81 -6.78 -13.81
C ARG A 105 -4.62 -7.44 -12.70
N GLY A 106 -5.93 -7.21 -12.71
CA GLY A 106 -6.82 -7.85 -11.75
C GLY A 106 -7.05 -7.25 -10.38
N VAL A 107 -6.36 -6.18 -10.02
CA VAL A 107 -6.58 -5.58 -8.70
C VAL A 107 -7.92 -4.86 -8.77
N ASP A 108 -8.77 -5.09 -7.76
CA ASP A 108 -10.10 -4.49 -7.74
C ASP A 108 -10.05 -2.96 -7.85
N ILE A 109 -10.79 -2.43 -8.82
CA ILE A 109 -10.82 -1.00 -9.07
C ILE A 109 -11.30 -0.16 -7.88
N ASP A 110 -12.33 -0.63 -7.17
CA ASP A 110 -12.84 0.11 -6.03
C ASP A 110 -11.80 0.15 -4.91
N TRP A 111 -11.07 -0.95 -4.75
CA TRP A 111 -10.05 -1.03 -3.72
C TRP A 111 -8.90 -0.07 -4.03
N VAL A 112 -8.48 0.01 -5.29
CA VAL A 112 -7.40 0.91 -5.67
C VAL A 112 -7.81 2.37 -5.49
N LYS A 113 -9.08 2.69 -5.76
CA LYS A 113 -9.53 4.05 -5.58
C LYS A 113 -9.47 4.42 -4.11
N LYS A 114 -9.88 3.49 -3.24
CA LYS A 114 -9.86 3.74 -1.81
C LYS A 114 -8.41 3.87 -1.33
N LEU A 115 -7.52 3.05 -1.88
CA LEU A 115 -6.11 3.07 -1.52
C LEU A 115 -5.50 4.46 -1.73
N TYR A 116 -5.82 5.07 -2.87
CA TYR A 116 -5.28 6.39 -3.20
C TYR A 116 -6.12 7.56 -2.72
N SER A 117 -7.14 7.30 -1.91
CA SER A 117 -8.00 8.37 -1.43
C SER A 117 -7.28 9.39 -0.54
N PHE A 118 -6.03 9.13 -0.20
CA PHE A 118 -5.28 10.06 0.63
C PHE A 118 -4.74 11.22 -0.22
N ALA A 119 -4.78 11.03 -1.54
CA ALA A 119 -4.28 12.04 -2.47
C ALA A 119 -5.39 12.91 -3.04
N ILE A 120 -5.11 14.20 -3.18
CA ILE A 120 -6.09 15.13 -3.72
C ILE A 120 -6.29 14.90 -5.22
N LYS A 121 -7.49 15.20 -5.68
CA LYS A 121 -7.81 15.06 -7.09
C LYS A 121 -7.29 16.31 -7.79
N PRO A 122 -6.84 16.17 -9.05
CA PRO A 122 -6.33 17.33 -9.77
C PRO A 122 -7.40 18.39 -9.96
N ASP A 123 -6.97 19.65 -10.08
CA ASP A 123 -7.91 20.74 -10.31
C ASP A 123 -8.42 20.54 -11.74
N ILE A 124 -7.58 19.94 -12.57
CA ILE A 124 -7.95 19.64 -13.95
C ILE A 124 -7.10 18.48 -14.44
N THR A 125 -7.74 17.53 -15.12
CA THR A 125 -7.05 16.38 -15.66
C THR A 125 -7.31 16.33 -17.15
N PHE A 126 -6.23 16.36 -17.93
CA PHE A 126 -6.35 16.29 -19.39
C PHE A 126 -6.05 14.88 -19.84
N TYR A 127 -6.97 14.31 -20.59
CA TYR A 127 -6.81 12.96 -21.12
C TYR A 127 -6.49 13.16 -22.61
N ILE A 128 -5.23 12.94 -22.97
CA ILE A 128 -4.81 13.08 -24.36
C ILE A 128 -5.12 11.73 -25.01
N ARG A 129 -6.34 11.64 -25.55
CA ARG A 129 -6.85 10.40 -26.14
C ARG A 129 -6.46 10.16 -27.59
N VAL A 130 -5.91 8.97 -27.84
CA VAL A 130 -5.52 8.59 -29.18
C VAL A 130 -5.53 7.07 -29.29
N SER A 131 -5.85 6.56 -30.47
CA SER A 131 -5.89 5.12 -30.69
C SER A 131 -4.50 4.51 -30.57
N PRO A 132 -4.41 3.30 -29.98
CA PRO A 132 -3.11 2.65 -29.84
C PRO A 132 -2.47 2.48 -31.22
N ASP A 133 -3.30 2.30 -32.24
CA ASP A 133 -2.79 2.13 -33.60
C ASP A 133 -2.03 3.37 -34.05
N ILE A 134 -2.57 4.54 -33.74
CA ILE A 134 -1.91 5.79 -34.12
C ILE A 134 -0.66 5.99 -33.27
N ALA A 135 -0.76 5.71 -31.98
CA ALA A 135 0.38 5.85 -31.09
C ALA A 135 1.51 4.94 -31.56
N LEU A 136 1.17 3.72 -31.97
CA LEU A 136 2.18 2.78 -32.46
C LEU A 136 2.85 3.32 -33.72
N GLU A 137 2.05 3.83 -34.65
CA GLU A 137 2.60 4.39 -35.89
C GLU A 137 3.64 5.47 -35.61
N ARG A 138 3.35 6.32 -34.63
CA ARG A 138 4.26 7.39 -34.26
C ARG A 138 5.57 6.86 -33.73
N ILE A 139 5.48 5.81 -32.90
CA ILE A 139 6.67 5.21 -32.33
C ILE A 139 7.49 4.56 -33.45
N LYS A 140 6.82 3.89 -34.37
CA LYS A 140 7.50 3.25 -35.48
C LYS A 140 8.26 4.27 -36.32
N LYS A 141 7.58 5.35 -36.68
CA LYS A 141 8.19 6.40 -37.49
C LYS A 141 9.36 7.08 -36.80
N SER A 142 9.37 7.07 -35.47
CA SER A 142 10.46 7.68 -34.70
C SER A 142 11.70 6.78 -34.72
N LYS A 143 11.51 5.57 -35.26
CA LYS A 143 12.58 4.58 -35.38
C LYS A 143 12.97 3.85 -34.10
N ARG A 144 12.40 4.23 -32.96
CA ARG A 144 12.75 3.56 -31.71
C ARG A 144 11.91 2.31 -31.50
N LYS A 145 12.44 1.38 -30.71
CA LYS A 145 11.75 0.13 -30.43
C LYS A 145 10.77 0.24 -29.27
N ILE A 146 9.79 -0.64 -29.26
CA ILE A 146 8.79 -0.69 -28.22
C ILE A 146 9.38 -1.40 -27.01
N LYS A 147 9.23 -0.78 -25.84
CA LYS A 147 9.76 -1.37 -24.61
C LYS A 147 8.81 -2.44 -24.08
N PRO A 148 9.35 -3.46 -23.39
CA PRO A 148 8.52 -4.53 -22.83
C PRO A 148 7.38 -3.97 -21.99
N GLN A 149 7.67 -2.92 -21.22
CA GLN A 149 6.66 -2.30 -20.37
C GLN A 149 5.52 -1.70 -21.21
N GLU A 150 5.87 -1.12 -22.35
CA GLU A 150 4.88 -0.51 -23.22
C GLU A 150 4.04 -1.58 -23.91
N ALA A 151 4.57 -2.80 -23.97
CA ALA A 151 3.87 -3.91 -24.60
C ALA A 151 3.21 -4.82 -23.57
N GLY A 152 3.24 -4.41 -22.30
CA GLY A 152 2.64 -5.21 -21.25
C GLY A 152 3.20 -6.63 -21.31
N ALA A 153 4.51 -6.74 -21.53
CA ALA A 153 5.17 -8.03 -21.66
C ALA A 153 4.97 -8.99 -20.49
N ASP A 154 4.68 -8.48 -19.30
CA ASP A 154 4.48 -9.36 -18.16
C ASP A 154 3.15 -10.09 -18.29
N ILE A 155 2.18 -9.46 -18.96
CA ILE A 155 0.86 -10.06 -19.16
C ILE A 155 0.78 -10.82 -20.47
N PHE A 156 1.41 -10.28 -21.51
CA PHE A 156 1.38 -10.88 -22.85
C PHE A 156 2.75 -11.21 -23.41
N PRO A 157 3.47 -12.12 -22.74
CA PRO A 157 4.81 -12.51 -23.18
C PRO A 157 4.86 -13.24 -24.53
N GLY A 158 3.73 -13.77 -24.97
CA GLY A 158 3.68 -14.48 -26.23
C GLY A 158 3.45 -13.61 -27.46
N LEU A 159 3.18 -12.33 -27.24
CA LEU A 159 2.94 -11.42 -28.36
C LEU A 159 4.18 -10.63 -28.75
N SER A 160 4.22 -10.21 -30.01
CA SER A 160 5.34 -9.40 -30.49
C SER A 160 5.21 -8.06 -29.76
N PRO A 161 6.28 -7.27 -29.73
CA PRO A 161 6.20 -5.98 -29.04
C PRO A 161 5.09 -5.11 -29.62
N GLU A 162 4.89 -5.20 -30.94
CA GLU A 162 3.87 -4.41 -31.62
C GLU A 162 2.46 -4.84 -31.21
N GLU A 163 2.20 -6.14 -31.27
CA GLU A 163 0.88 -6.66 -30.90
C GLU A 163 0.63 -6.48 -29.41
N GLY A 164 1.69 -6.60 -28.61
CA GLY A 164 1.55 -6.43 -27.17
C GLY A 164 1.19 -4.99 -26.87
N PHE A 165 1.85 -4.07 -27.56
CA PHE A 165 1.58 -2.64 -27.38
C PHE A 165 0.11 -2.35 -27.68
N LEU A 166 -0.36 -2.82 -28.83
CA LEU A 166 -1.75 -2.59 -29.21
C LEU A 166 -2.75 -3.16 -28.22
N LYS A 167 -2.51 -4.38 -27.76
CA LYS A 167 -3.43 -5.00 -26.80
C LYS A 167 -3.37 -4.35 -25.43
N TYR A 168 -2.16 -4.17 -24.91
CA TYR A 168 -1.98 -3.57 -23.60
C TYR A 168 -2.40 -2.11 -23.53
N GLN A 169 -1.94 -1.28 -24.46
CA GLN A 169 -2.31 0.12 -24.44
C GLN A 169 -3.81 0.25 -24.72
N GLY A 170 -4.38 -0.74 -25.40
CA GLY A 170 -5.81 -0.73 -25.67
C GLY A 170 -6.56 -0.90 -24.36
N LEU A 171 -6.06 -1.79 -23.51
CA LEU A 171 -6.71 -2.03 -22.22
C LEU A 171 -6.57 -0.80 -21.33
N ILE A 172 -5.40 -0.14 -21.38
CA ILE A 172 -5.19 1.07 -20.59
C ILE A 172 -6.19 2.14 -21.06
N THR A 173 -6.34 2.24 -22.38
CA THR A 173 -7.27 3.21 -22.97
C THR A 173 -8.69 2.93 -22.47
N GLU A 174 -9.07 1.66 -22.40
CA GLU A 174 -10.41 1.33 -21.94
C GLU A 174 -10.62 1.80 -20.50
N VAL A 175 -9.60 1.66 -19.66
CA VAL A 175 -9.74 2.11 -18.28
C VAL A 175 -9.92 3.63 -18.25
N TYR A 176 -9.08 4.35 -18.96
CA TYR A 176 -9.20 5.81 -19.00
C TYR A 176 -10.59 6.21 -19.48
N ASP A 177 -11.08 5.56 -20.53
CA ASP A 177 -12.40 5.88 -21.06
C ASP A 177 -13.48 5.69 -20.00
N LYS A 178 -13.35 4.63 -19.20
CA LYS A 178 -14.34 4.34 -18.18
C LYS A 178 -14.25 5.32 -17.01
N LEU A 179 -13.13 6.01 -16.88
CA LEU A 179 -12.92 6.96 -15.79
C LEU A 179 -13.33 8.39 -16.15
N VAL A 180 -13.45 8.69 -17.44
CA VAL A 180 -13.77 10.04 -17.90
C VAL A 180 -14.90 10.75 -17.17
N LYS A 181 -16.07 10.10 -17.09
CA LYS A 181 -17.20 10.75 -16.43
C LYS A 181 -17.05 10.88 -14.92
N ASP A 182 -16.62 9.82 -14.24
CA ASP A 182 -16.48 9.89 -12.79
C ASP A 182 -15.38 10.83 -12.32
N GLU A 183 -14.29 10.89 -13.09
CA GLU A 183 -13.14 11.72 -12.73
C GLU A 183 -13.09 13.08 -13.43
N ASN A 184 -14.13 13.39 -14.19
CA ASN A 184 -14.23 14.67 -14.89
C ASN A 184 -13.02 14.95 -15.78
N PHE A 185 -12.57 13.96 -16.52
CA PHE A 185 -11.44 14.13 -17.43
C PHE A 185 -11.84 15.10 -18.54
N ILE A 186 -10.90 15.93 -18.97
CA ILE A 186 -11.14 16.82 -20.09
C ILE A 186 -10.53 16.02 -21.23
N VAL A 187 -11.39 15.48 -22.09
CA VAL A 187 -10.92 14.66 -23.19
C VAL A 187 -10.45 15.50 -24.38
N ILE A 188 -9.18 15.33 -24.73
CA ILE A 188 -8.57 16.05 -25.84
C ILE A 188 -8.29 15.08 -26.98
N ASP A 189 -8.58 15.50 -28.21
CA ASP A 189 -8.35 14.67 -29.39
C ASP A 189 -6.85 14.68 -29.69
N GLY A 190 -6.16 13.61 -29.25
CA GLY A 190 -4.73 13.52 -29.45
C GLY A 190 -4.27 13.32 -30.88
N THR A 191 -5.19 13.25 -31.82
CA THR A 191 -4.81 13.08 -33.23
C THR A 191 -4.51 14.44 -33.85
N LYS A 192 -4.89 15.51 -33.17
CA LYS A 192 -4.64 16.86 -33.65
C LYS A 192 -3.14 17.15 -33.50
N THR A 193 -2.67 18.23 -34.11
CA THR A 193 -1.26 18.56 -34.02
C THR A 193 -0.88 18.93 -32.59
N PRO A 194 0.39 18.74 -32.23
CA PRO A 194 0.84 19.06 -30.87
C PRO A 194 0.55 20.52 -30.54
N LYS A 195 0.65 21.39 -31.54
CA LYS A 195 0.40 22.81 -31.33
C LYS A 195 -1.07 23.11 -31.05
N GLU A 196 -1.97 22.53 -31.83
CA GLU A 196 -3.40 22.77 -31.63
C GLU A 196 -3.83 22.22 -30.26
N ILE A 197 -3.29 21.05 -29.90
CA ILE A 197 -3.63 20.44 -28.63
C ILE A 197 -3.20 21.36 -27.48
N GLN A 198 -1.97 21.85 -27.55
CA GLN A 198 -1.44 22.72 -26.51
C GLN A 198 -2.21 24.03 -26.39
N ILE A 199 -2.69 24.55 -27.53
CA ILE A 199 -3.46 25.78 -27.52
C ILE A 199 -4.75 25.57 -26.72
N GLN A 200 -5.39 24.43 -26.97
CA GLN A 200 -6.62 24.08 -26.26
C GLN A 200 -6.34 23.95 -24.76
N ILE A 201 -5.25 23.27 -24.43
CA ILE A 201 -4.87 23.08 -23.04
C ILE A 201 -4.64 24.42 -22.34
N ARG A 202 -3.91 25.32 -23.00
CA ARG A 202 -3.62 26.62 -22.41
C ARG A 202 -4.88 27.47 -22.22
N LYS A 203 -5.85 27.30 -23.09
CA LYS A 203 -7.08 28.06 -22.96
C LYS A 203 -7.80 27.58 -21.69
N PHE A 204 -7.83 26.27 -21.49
CA PHE A 204 -8.46 25.70 -20.29
C PHE A 204 -7.71 26.13 -19.03
N VAL A 205 -6.39 26.00 -19.06
CA VAL A 205 -5.55 26.35 -17.92
C VAL A 205 -5.54 27.86 -17.64
N GLY A 206 -5.56 28.65 -18.70
CA GLY A 206 -5.55 30.10 -18.54
C GLY A 206 -6.80 30.54 -17.80
N GLU A 207 -7.93 29.97 -18.20
CA GLU A 207 -9.22 30.28 -17.58
C GLU A 207 -9.19 29.86 -16.12
N LEU A 208 -8.61 28.69 -15.86
CA LEU A 208 -8.50 28.15 -14.51
C LEU A 208 -7.68 29.06 -13.61
N ILE A 209 -6.47 29.39 -14.04
CA ILE A 209 -5.59 30.25 -13.26
C ILE A 209 -6.18 31.64 -13.04
N ASP A 210 -6.76 32.23 -14.06
CA ASP A 210 -7.34 33.57 -13.93
C ASP A 210 -8.49 33.57 -12.92
N ASN A 211 -9.12 32.42 -12.72
CA ASN A 211 -10.21 32.32 -11.78
C ASN A 211 -9.73 31.71 -10.47
N SER A 212 -8.41 31.58 -10.35
CA SER A 212 -7.79 31.02 -9.15
C SER A 212 -7.31 32.14 -8.23
N PHE A 213 -8.03 32.36 -7.14
CA PHE A 213 -7.66 33.39 -6.17
C PHE A 213 -8.39 33.17 -4.85
N LYS B 3 -11.01 -26.80 3.90
CA LYS B 3 -10.72 -27.41 5.24
C LYS B 3 -9.57 -26.67 5.90
N GLY B 4 -9.20 -25.54 5.30
CA GLY B 4 -8.12 -24.75 5.85
C GLY B 4 -8.65 -23.88 6.98
N VAL B 5 -7.89 -23.78 8.06
CA VAL B 5 -8.30 -23.00 9.21
C VAL B 5 -7.24 -21.97 9.56
N LEU B 6 -7.67 -20.70 9.68
CA LEU B 6 -6.76 -19.62 10.00
C LEU B 6 -6.91 -19.22 11.46
N ILE B 7 -5.83 -19.32 12.22
CA ILE B 7 -5.83 -18.99 13.64
C ILE B 7 -4.86 -17.83 13.88
N ALA B 8 -5.38 -16.73 14.41
CA ALA B 8 -4.54 -15.57 14.67
C ALA B 8 -4.34 -15.32 16.17
N PHE B 9 -3.15 -14.85 16.50
CA PHE B 9 -2.80 -14.50 17.88
C PHE B 9 -2.51 -13.01 17.90
N GLU B 10 -3.18 -12.28 18.79
CA GLU B 10 -3.00 -10.84 18.92
C GLU B 10 -2.73 -10.50 20.39
N GLY B 11 -1.98 -9.42 20.61
CA GLY B 11 -1.66 -9.01 21.96
C GLY B 11 -0.48 -8.05 21.92
N ILE B 12 -0.23 -7.36 23.02
CA ILE B 12 0.87 -6.41 23.06
C ILE B 12 2.20 -7.14 23.10
N ASP B 13 3.28 -6.41 22.86
CA ASP B 13 4.61 -7.00 22.90
C ASP B 13 4.83 -7.42 24.35
N GLY B 14 5.29 -8.66 24.54
CA GLY B 14 5.52 -9.16 25.88
C GLY B 14 4.32 -9.89 26.45
N SER B 15 3.27 -10.03 25.63
CA SER B 15 2.06 -10.72 26.06
C SER B 15 2.23 -12.23 25.94
N GLY B 16 3.20 -12.65 25.13
CA GLY B 16 3.45 -14.07 24.94
C GLY B 16 2.73 -14.62 23.73
N LYS B 17 2.10 -13.76 22.95
CA LYS B 17 1.37 -14.19 21.76
C LYS B 17 2.26 -14.99 20.80
N SER B 18 3.50 -14.58 20.64
CA SER B 18 4.42 -15.27 19.74
C SER B 18 4.74 -16.68 20.26
N SER B 19 5.00 -16.76 21.55
CA SER B 19 5.31 -18.04 22.18
C SER B 19 4.12 -18.99 22.06
N GLN B 20 2.94 -18.48 22.39
CA GLN B 20 1.73 -19.29 22.33
C GLN B 20 1.43 -19.77 20.91
N ALA B 21 1.71 -18.91 19.92
CA ALA B 21 1.47 -19.28 18.53
C ALA B 21 2.39 -20.44 18.11
N THR B 22 3.67 -20.33 18.45
CA THR B 22 4.64 -21.37 18.10
C THR B 22 4.32 -22.68 18.81
N LEU B 23 4.00 -22.60 20.09
CA LEU B 23 3.67 -23.80 20.88
C LEU B 23 2.47 -24.51 20.28
N LEU B 24 1.49 -23.74 19.79
CA LEU B 24 0.31 -24.35 19.20
C LEU B 24 0.71 -25.05 17.90
N LYS B 25 1.58 -24.42 17.14
CA LYS B 25 2.04 -25.00 15.88
C LYS B 25 2.74 -26.33 16.14
N ASP B 26 3.63 -26.35 17.14
CA ASP B 26 4.36 -27.57 17.49
C ASP B 26 3.42 -28.71 17.85
N TRP B 27 2.29 -28.36 18.45
CA TRP B 27 1.31 -29.35 18.88
C TRP B 27 0.40 -29.83 17.74
N ILE B 28 -0.11 -28.90 16.95
CA ILE B 28 -0.99 -29.26 15.83
C ILE B 28 -0.23 -30.09 14.81
N GLU B 29 1.07 -29.85 14.72
CA GLU B 29 1.95 -30.55 13.79
C GLU B 29 1.92 -32.06 14.02
N LEU B 30 1.52 -32.48 15.22
CA LEU B 30 1.45 -33.89 15.56
C LEU B 30 0.18 -34.51 14.99
N LYS B 31 -0.78 -33.66 14.61
CA LYS B 31 -2.06 -34.14 14.11
C LYS B 31 -2.43 -33.78 12.67
N ARG B 32 -2.21 -32.51 12.29
CA ARG B 32 -2.57 -32.06 10.95
C ARG B 32 -1.49 -31.24 10.26
N ASP B 33 -1.71 -30.96 8.99
CA ASP B 33 -0.78 -30.12 8.23
C ASP B 33 -0.99 -28.72 8.81
N VAL B 34 0.09 -28.06 9.18
CA VAL B 34 -0.02 -26.73 9.75
C VAL B 34 1.16 -25.86 9.33
N TYR B 35 0.91 -24.55 9.25
CA TYR B 35 1.94 -23.60 8.87
C TYR B 35 1.94 -22.39 9.80
N LEU B 36 3.11 -22.02 10.26
CA LEU B 36 3.27 -20.88 11.16
C LEU B 36 3.88 -19.72 10.37
N THR B 37 3.19 -18.60 10.34
CA THR B 37 3.67 -17.42 9.61
C THR B 37 4.96 -16.88 10.22
N GLU B 38 5.90 -16.51 9.36
CA GLU B 38 7.18 -15.98 9.80
C GLU B 38 7.59 -14.79 8.94
N SER B 42 10.81 -8.74 8.58
CA SER B 42 11.12 -8.55 7.14
C SER B 42 12.17 -7.44 7.01
N ASP B 43 13.44 -7.86 6.92
CA ASP B 43 14.58 -6.95 6.81
C ASP B 43 14.39 -5.62 6.10
N TRP B 44 13.88 -5.64 4.88
CA TRP B 44 13.71 -4.40 4.13
C TRP B 44 12.87 -3.34 4.83
N ILE B 45 11.99 -3.74 5.74
CA ILE B 45 11.19 -2.74 6.45
C ILE B 45 12.11 -1.90 7.34
N HIS B 46 13.03 -2.56 8.02
CA HIS B 46 13.97 -1.85 8.88
C HIS B 46 14.90 -0.99 8.03
N ASP B 47 15.22 -1.44 6.83
CA ASP B 47 16.09 -0.67 5.96
C ASP B 47 15.38 0.61 5.51
N ILE B 48 14.07 0.53 5.33
CA ILE B 48 13.31 1.70 4.92
C ILE B 48 13.27 2.71 6.05
N ILE B 49 13.04 2.23 7.27
CA ILE B 49 12.97 3.09 8.43
C ILE B 49 14.31 3.78 8.64
N LYS B 50 15.40 3.02 8.46
CA LYS B 50 16.74 3.57 8.63
C LYS B 50 17.02 4.66 7.61
N GLU B 51 16.65 4.41 6.34
CA GLU B 51 16.86 5.37 5.27
C GLU B 51 15.95 6.58 5.47
N ALA B 52 14.74 6.35 5.97
CA ALA B 52 13.79 7.42 6.20
C ALA B 52 14.33 8.42 7.21
N LYS B 53 15.07 7.92 8.19
CA LYS B 53 15.66 8.77 9.21
C LYS B 53 16.69 9.70 8.58
N LYS B 54 17.38 9.19 7.57
CA LYS B 54 18.39 9.99 6.89
C LYS B 54 17.69 11.05 6.04
N LYS B 55 16.41 10.83 5.76
CA LYS B 55 15.63 11.75 4.94
C LYS B 55 14.66 12.62 5.73
N ASP B 56 14.75 12.55 7.06
CA ASP B 56 13.91 13.35 7.94
C ASP B 56 12.40 13.25 7.81
N LEU B 57 11.90 12.16 7.22
CA LEU B 57 10.47 12.04 7.08
C LEU B 57 9.95 10.65 6.77
N LEU B 58 8.92 10.26 7.50
CA LEU B 58 8.24 8.99 7.30
C LEU B 58 6.89 9.18 7.99
N THR B 59 5.87 9.43 7.20
CA THR B 59 4.53 9.67 7.71
C THR B 59 3.83 8.40 8.16
N PRO B 60 2.82 8.55 9.04
CA PRO B 60 2.09 7.37 9.51
C PRO B 60 1.45 6.64 8.33
N LEU B 61 1.00 7.41 7.33
CA LEU B 61 0.38 6.85 6.14
C LEU B 61 1.37 5.93 5.41
N THR B 62 2.56 6.43 5.17
CA THR B 62 3.57 5.63 4.48
C THR B 62 3.95 4.41 5.33
N PHE B 63 4.03 4.60 6.64
CA PHE B 63 4.36 3.51 7.54
C PHE B 63 3.29 2.42 7.44
N SER B 64 2.02 2.84 7.38
CA SER B 64 0.91 1.92 7.24
C SER B 64 1.03 1.14 5.94
N LEU B 65 1.34 1.85 4.86
CA LEU B 65 1.46 1.21 3.55
C LEU B 65 2.64 0.26 3.44
N ILE B 66 3.75 0.59 4.11
CA ILE B 66 4.93 -0.27 4.08
C ILE B 66 4.57 -1.63 4.66
N HIS B 67 3.87 -1.63 5.81
CA HIS B 67 3.49 -2.88 6.42
C HIS B 67 2.41 -3.63 5.64
N ALA B 68 1.49 -2.90 5.02
CA ALA B 68 0.45 -3.54 4.24
C ALA B 68 1.09 -4.22 3.03
N THR B 69 2.11 -3.59 2.48
CA THR B 69 2.84 -4.15 1.33
C THR B 69 3.47 -5.47 1.73
N ASP B 70 4.17 -5.46 2.86
CA ASP B 70 4.82 -6.67 3.35
C ASP B 70 3.77 -7.75 3.62
N PHE B 71 2.68 -7.37 4.29
CA PHE B 71 1.62 -8.33 4.59
C PHE B 71 1.01 -8.92 3.33
N SER B 72 0.79 -8.09 2.32
CA SER B 72 0.18 -8.60 1.08
C SER B 72 1.04 -9.67 0.44
N ASP B 73 2.35 -9.50 0.52
CA ASP B 73 3.28 -10.46 -0.08
C ASP B 73 3.20 -11.81 0.63
N ARG B 74 3.31 -11.78 1.95
CA ARG B 74 3.25 -12.99 2.75
C ARG B 74 1.87 -13.63 2.71
N TYR B 75 0.84 -12.80 2.59
CA TYR B 75 -0.53 -13.32 2.52
C TYR B 75 -0.76 -14.06 1.20
N GLU B 76 -0.45 -13.41 0.08
CA GLU B 76 -0.68 -14.03 -1.21
C GLU B 76 0.31 -15.12 -1.61
N ARG B 77 1.51 -15.10 -1.05
CA ARG B 77 2.50 -16.12 -1.40
C ARG B 77 2.61 -17.26 -0.39
N TYR B 78 2.11 -17.04 0.82
CA TYR B 78 2.21 -18.09 1.85
C TYR B 78 0.88 -18.45 2.53
N ILE B 79 0.30 -17.49 3.24
CA ILE B 79 -0.94 -17.74 3.96
C ILE B 79 -2.09 -18.28 3.13
N LEU B 80 -2.51 -17.52 2.12
CA LEU B 80 -3.63 -17.92 1.28
C LEU B 80 -3.42 -19.27 0.60
N PRO B 81 -2.25 -19.49 -0.02
CA PRO B 81 -1.99 -20.78 -0.68
C PRO B 81 -2.07 -21.96 0.29
N MSE B 82 -1.49 -21.78 1.47
CA MSE B 82 -1.49 -22.83 2.48
C MSE B 82 -2.91 -23.17 2.93
O MSE B 82 -3.26 -24.33 3.07
CB MSE B 82 -0.64 -22.42 3.68
CG MSE B 82 0.85 -22.38 3.39
SE MSE B 82 1.61 -24.12 3.00
CE MSE B 82 2.93 -24.20 4.41
N LEU B 83 -3.72 -22.13 3.17
CA LEU B 83 -5.10 -22.35 3.58
C LEU B 83 -5.83 -23.13 2.48
N LYS B 84 -5.48 -22.83 1.23
CA LYS B 84 -6.10 -23.51 0.10
C LYS B 84 -5.57 -24.93 -0.07
N SER B 85 -4.46 -25.23 0.60
CA SER B 85 -3.88 -26.57 0.55
C SER B 85 -4.42 -27.40 1.70
N GLY B 86 -5.45 -26.88 2.36
CA GLY B 86 -6.06 -27.57 3.48
C GLY B 86 -5.25 -27.47 4.76
N PHE B 87 -4.24 -26.59 4.74
CA PHE B 87 -3.39 -26.37 5.90
C PHE B 87 -4.04 -25.49 6.96
N ILE B 88 -3.63 -25.70 8.21
CA ILE B 88 -4.10 -24.87 9.30
C ILE B 88 -3.00 -23.83 9.37
N VAL B 89 -3.34 -22.56 9.25
CA VAL B 89 -2.33 -21.51 9.30
C VAL B 89 -2.43 -20.72 10.58
N ILE B 90 -1.30 -20.54 11.25
CA ILE B 90 -1.24 -19.79 12.49
C ILE B 90 -0.39 -18.54 12.25
N SER B 91 -0.89 -17.38 12.69
CA SER B 91 -0.18 -16.13 12.51
C SER B 91 -0.14 -15.37 13.84
N ASP B 92 1.05 -14.95 14.26
CA ASP B 92 1.19 -14.22 15.51
C ASP B 92 1.06 -12.72 15.27
N ARG B 93 0.74 -12.39 14.02
CA ARG B 93 0.53 -11.00 13.63
C ARG B 93 -0.35 -11.04 12.40
N TYR B 94 -1.56 -10.50 12.54
CA TYR B 94 -2.48 -10.47 11.42
C TYR B 94 -2.94 -9.04 11.23
N ILE B 95 -4.03 -8.86 10.47
CA ILE B 95 -4.52 -7.52 10.18
C ILE B 95 -4.83 -6.64 11.39
N TYR B 96 -5.24 -7.25 12.49
CA TYR B 96 -5.57 -6.46 13.69
C TYR B 96 -4.35 -5.76 14.27
N THR B 97 -3.18 -6.36 14.09
CA THR B 97 -1.94 -5.76 14.56
C THR B 97 -1.79 -4.43 13.83
N ALA B 98 -2.10 -4.43 12.54
CA ALA B 98 -2.02 -3.22 11.73
C ALA B 98 -3.10 -2.21 12.15
N TYR B 99 -4.30 -2.69 12.42
CA TYR B 99 -5.39 -1.79 12.85
C TYR B 99 -4.92 -0.94 14.03
N ALA B 100 -4.29 -1.59 15.00
CA ALA B 100 -3.82 -0.89 16.18
C ALA B 100 -2.59 -0.03 15.92
N ARG B 101 -1.59 -0.61 15.27
CA ARG B 101 -0.35 0.10 14.97
C ARG B 101 -0.60 1.38 14.21
N ASP B 102 -1.50 1.33 13.23
CA ASP B 102 -1.79 2.49 12.41
C ASP B 102 -2.76 3.48 13.04
N SER B 103 -3.82 2.98 13.67
CA SER B 103 -4.80 3.90 14.26
C SER B 103 -4.25 4.71 15.42
N VAL B 104 -3.32 4.16 16.20
CA VAL B 104 -2.77 4.93 17.33
C VAL B 104 -1.85 6.03 16.79
N ARG B 105 -1.49 5.93 15.51
CA ARG B 105 -0.63 6.94 14.88
C ARG B 105 -1.45 7.93 14.06
N GLY B 106 -2.77 7.87 14.20
CA GLY B 106 -3.62 8.82 13.51
C GLY B 106 -4.23 8.40 12.18
N VAL B 107 -3.91 7.20 11.71
CA VAL B 107 -4.47 6.74 10.45
C VAL B 107 -5.91 6.26 10.70
N ASP B 108 -6.85 6.71 9.86
CA ASP B 108 -8.25 6.31 10.01
C ASP B 108 -8.37 4.80 9.98
N ILE B 109 -8.84 4.22 11.08
CA ILE B 109 -8.96 2.77 11.16
C ILE B 109 -9.90 2.19 10.09
N ASP B 110 -10.87 2.98 9.67
CA ASP B 110 -11.81 2.51 8.66
C ASP B 110 -11.11 2.38 7.31
N TRP B 111 -10.13 3.25 7.07
CA TRP B 111 -9.37 3.19 5.82
C TRP B 111 -8.46 1.97 5.91
N VAL B 112 -7.91 1.72 7.10
CA VAL B 112 -7.02 0.57 7.29
C VAL B 112 -7.81 -0.73 7.10
N LYS B 113 -9.07 -0.74 7.52
CA LYS B 113 -9.89 -1.93 7.35
C LYS B 113 -10.09 -2.18 5.85
N LYS B 114 -10.32 -1.11 5.09
CA LYS B 114 -10.49 -1.25 3.64
C LYS B 114 -9.18 -1.69 2.99
N LEU B 115 -8.07 -1.15 3.49
CA LEU B 115 -6.76 -1.47 2.96
C LEU B 115 -6.47 -2.98 3.03
N TYR B 116 -6.80 -3.57 4.18
CA TYR B 116 -6.56 -4.99 4.38
C TYR B 116 -7.75 -5.88 4.02
N SER B 117 -8.77 -5.31 3.38
CA SER B 117 -9.95 -6.08 3.02
C SER B 117 -9.72 -7.21 2.01
N PHE B 118 -8.50 -7.33 1.49
CA PHE B 118 -8.22 -8.41 0.56
C PHE B 118 -7.94 -9.70 1.34
N ALA B 119 -7.76 -9.56 2.65
CA ALA B 119 -7.47 -10.70 3.52
C ALA B 119 -8.72 -11.20 4.25
N ILE B 120 -8.82 -12.52 4.37
CA ILE B 120 -9.96 -13.11 5.05
C ILE B 120 -9.82 -12.97 6.56
N LYS B 121 -10.94 -13.00 7.27
CA LYS B 121 -10.89 -12.91 8.72
C LYS B 121 -10.56 -14.29 9.27
N PRO B 122 -9.80 -14.36 10.38
CA PRO B 122 -9.44 -15.65 10.97
C PRO B 122 -10.65 -16.43 11.42
N ASP B 123 -10.52 -17.75 11.47
CA ASP B 123 -11.59 -18.61 11.95
C ASP B 123 -11.61 -18.47 13.46
N ILE B 124 -10.43 -18.22 14.02
CA ILE B 124 -10.27 -18.04 15.46
C ILE B 124 -9.19 -17.00 15.72
N THR B 125 -9.48 -16.03 16.58
CA THR B 125 -8.50 -15.02 16.95
C THR B 125 -8.36 -14.99 18.46
N PHE B 126 -7.18 -15.34 18.95
CA PHE B 126 -6.93 -15.32 20.39
C PHE B 126 -6.30 -13.99 20.76
N TYR B 127 -6.88 -13.30 21.74
CA TYR B 127 -6.35 -12.03 22.21
C TYR B 127 -5.77 -12.28 23.59
N ILE B 128 -4.45 -12.36 23.68
CA ILE B 128 -3.78 -12.58 24.95
C ILE B 128 -3.67 -11.21 25.60
N ARG B 129 -4.63 -10.90 26.46
CA ARG B 129 -4.69 -9.61 27.13
C ARG B 129 -3.94 -9.55 28.45
N VAL B 130 -3.12 -8.52 28.60
CA VAL B 130 -2.33 -8.33 29.81
C VAL B 130 -1.95 -6.85 29.93
N SER B 131 -1.86 -6.36 31.16
CA SER B 131 -1.50 -4.96 31.37
C SER B 131 -0.06 -4.74 30.97
N PRO B 132 0.24 -3.56 30.40
CA PRO B 132 1.61 -3.23 29.97
C PRO B 132 2.58 -3.33 31.15
N ASP B 133 2.08 -3.05 32.34
CA ASP B 133 2.87 -3.11 33.56
C ASP B 133 3.43 -4.51 33.81
N ILE B 134 2.57 -5.52 33.66
CA ILE B 134 2.99 -6.89 33.87
C ILE B 134 3.86 -7.37 32.71
N ALA B 135 3.50 -6.99 31.50
CA ALA B 135 4.28 -7.37 30.33
C ALA B 135 5.70 -6.83 30.46
N LEU B 136 5.81 -5.58 30.91
CA LEU B 136 7.12 -4.96 31.08
C LEU B 136 7.88 -5.64 32.21
N GLU B 137 7.18 -5.88 33.33
CA GLU B 137 7.79 -6.52 34.48
C GLU B 137 8.41 -7.85 34.07
N ARG B 138 7.75 -8.57 33.18
CA ARG B 138 8.25 -9.85 32.68
C ARG B 138 9.48 -9.60 31.82
N ILE B 139 9.31 -8.76 30.81
CA ILE B 139 10.39 -8.44 29.89
C ILE B 139 11.69 -8.13 30.61
N LYS B 140 11.62 -7.38 31.71
CA LYS B 140 12.84 -7.05 32.43
C LYS B 140 13.08 -7.96 33.63
N LYS B 141 12.34 -9.05 33.70
CA LYS B 141 12.52 -10.03 34.75
C LYS B 141 13.41 -11.01 34.01
N SER B 142 13.19 -11.06 32.70
CA SER B 142 13.99 -11.86 31.79
C SER B 142 14.96 -10.74 31.43
N LYS B 143 16.22 -11.06 31.14
CA LYS B 143 17.16 -9.99 30.84
C LYS B 143 17.11 -9.47 29.41
N ARG B 144 15.91 -9.17 28.92
CA ARG B 144 15.77 -8.66 27.56
C ARG B 144 15.62 -7.15 27.55
N LYS B 145 16.10 -6.52 26.46
CA LYS B 145 16.07 -5.07 26.32
C LYS B 145 14.86 -4.67 25.46
N ILE B 146 14.19 -3.60 25.86
CA ILE B 146 13.03 -3.10 25.12
C ILE B 146 13.51 -2.40 23.85
N LYS B 147 13.00 -2.82 22.70
CA LYS B 147 13.41 -2.19 21.46
C LYS B 147 12.52 -1.00 21.10
N PRO B 148 13.04 -0.06 20.30
CA PRO B 148 12.35 1.15 19.86
C PRO B 148 10.89 0.93 19.42
N GLN B 149 10.65 -0.11 18.63
CA GLN B 149 9.30 -0.39 18.16
C GLN B 149 8.35 -0.67 19.33
N GLU B 150 8.83 -1.45 20.29
CA GLU B 150 8.01 -1.80 21.46
C GLU B 150 7.71 -0.59 22.33
N ALA B 151 8.54 0.45 22.22
CA ALA B 151 8.36 1.66 23.03
C ALA B 151 7.67 2.81 22.32
N GLY B 152 7.24 2.60 21.07
CA GLY B 152 6.59 3.67 20.34
C GLY B 152 7.46 4.91 20.28
N ALA B 153 8.75 4.69 20.05
CA ALA B 153 9.74 5.77 19.98
C ALA B 153 9.39 6.91 19.04
N ASP B 154 8.73 6.59 17.93
CA ASP B 154 8.36 7.62 16.96
C ASP B 154 7.23 8.49 17.50
N ILE B 155 6.42 7.93 18.37
CA ILE B 155 5.29 8.65 18.98
C ILE B 155 5.72 9.37 20.26
N PHE B 156 6.55 8.70 21.04
CA PHE B 156 7.04 9.24 22.31
C PHE B 156 8.57 9.32 22.30
N PRO B 157 9.13 10.22 21.50
CA PRO B 157 10.59 10.36 21.44
C PRO B 157 11.14 11.00 22.71
N GLY B 158 12.31 10.55 23.14
CA GLY B 158 12.89 11.12 24.34
C GLY B 158 12.65 10.31 25.59
N LEU B 159 11.56 9.54 25.61
CA LEU B 159 11.25 8.71 26.77
C LEU B 159 12.16 7.49 26.78
N SER B 160 12.40 6.94 27.96
CA SER B 160 13.22 5.74 28.05
C SER B 160 12.37 4.65 27.40
N PRO B 161 13.01 3.63 26.79
CA PRO B 161 12.26 2.55 26.16
C PRO B 161 11.19 1.99 27.10
N GLU B 162 11.56 1.84 28.37
CA GLU B 162 10.66 1.31 29.38
C GLU B 162 9.41 2.17 29.58
N GLU B 163 9.60 3.48 29.72
CA GLU B 163 8.47 4.38 29.93
C GLU B 163 7.61 4.48 28.67
N GLY B 164 8.26 4.48 27.51
CA GLY B 164 7.53 4.56 26.26
C GLY B 164 6.70 3.31 26.07
N PHE B 165 7.27 2.18 26.47
CA PHE B 165 6.59 0.88 26.37
C PHE B 165 5.24 0.92 27.08
N LEU B 166 5.25 1.36 28.34
CA LEU B 166 4.02 1.42 29.12
C LEU B 166 2.93 2.24 28.44
N LYS B 167 3.31 3.40 27.91
CA LYS B 167 2.36 4.30 27.25
C LYS B 167 1.91 3.75 25.90
N TYR B 168 2.86 3.35 25.06
CA TYR B 168 2.55 2.84 23.73
C TYR B 168 1.69 1.56 23.76
N GLN B 169 2.10 0.58 24.54
CA GLN B 169 1.35 -0.67 24.60
C GLN B 169 -0.03 -0.43 25.21
N GLY B 170 -0.14 0.62 26.02
CA GLY B 170 -1.42 0.96 26.62
C GLY B 170 -2.37 1.41 25.51
N LEU B 171 -1.86 2.24 24.61
CA LEU B 171 -2.69 2.73 23.50
C LEU B 171 -3.07 1.58 22.58
N ILE B 172 -2.14 0.66 22.37
CA ILE B 172 -2.38 -0.50 21.53
C ILE B 172 -3.50 -1.35 22.14
N THR B 173 -3.42 -1.55 23.45
CA THR B 173 -4.43 -2.34 24.15
C THR B 173 -5.83 -1.75 23.97
N GLU B 174 -5.93 -0.42 23.98
CA GLU B 174 -7.23 0.22 23.81
C GLU B 174 -7.85 -0.16 22.48
N VAL B 175 -7.02 -0.28 21.44
CA VAL B 175 -7.55 -0.64 20.13
C VAL B 175 -8.00 -2.09 20.10
N TYR B 176 -7.16 -3.00 20.60
CA TYR B 176 -7.54 -4.41 20.63
C TYR B 176 -8.84 -4.57 21.42
N ASP B 177 -8.94 -3.88 22.55
CA ASP B 177 -10.14 -3.97 23.36
C ASP B 177 -11.40 -3.57 22.60
N LYS B 178 -11.32 -2.54 21.76
CA LYS B 178 -12.49 -2.11 21.02
C LYS B 178 -12.81 -2.97 19.81
N LEU B 179 -11.93 -3.91 19.48
CA LEU B 179 -12.17 -4.80 18.35
C LEU B 179 -12.75 -6.13 18.83
N VAL B 180 -12.67 -6.39 20.13
CA VAL B 180 -13.14 -7.66 20.68
C VAL B 180 -14.51 -8.16 20.25
N LYS B 181 -15.54 -7.33 20.44
CA LYS B 181 -16.88 -7.77 20.09
C LYS B 181 -17.12 -7.95 18.60
N ASP B 182 -16.78 -6.92 17.82
CA ASP B 182 -16.99 -6.94 16.38
C ASP B 182 -16.17 -8.01 15.65
N GLU B 183 -14.96 -8.26 16.12
CA GLU B 183 -14.10 -9.26 15.47
C GLU B 183 -14.14 -10.62 16.15
N ASN B 184 -15.02 -10.78 17.14
CA ASN B 184 -15.18 -12.04 17.84
C ASN B 184 -13.88 -12.58 18.47
N PHE B 185 -13.10 -11.70 19.08
CA PHE B 185 -11.86 -12.11 19.72
C PHE B 185 -12.13 -13.04 20.89
N ILE B 186 -11.27 -14.04 21.07
CA ILE B 186 -11.38 -14.96 22.20
C ILE B 186 -10.37 -14.37 23.18
N VAL B 187 -10.87 -13.68 24.20
CA VAL B 187 -10.01 -13.03 25.18
C VAL B 187 -9.44 -13.98 26.22
N ILE B 188 -8.11 -13.97 26.33
CA ILE B 188 -7.41 -14.82 27.28
C ILE B 188 -6.69 -13.98 28.32
N ASP B 189 -6.75 -14.41 29.58
CA ASP B 189 -6.08 -13.71 30.66
C ASP B 189 -4.60 -14.01 30.57
N GLY B 190 -3.85 -13.05 30.04
CA GLY B 190 -2.41 -13.22 29.88
C GLY B 190 -1.61 -13.29 31.15
N THR B 191 -2.24 -13.09 32.31
CA THR B 191 -1.53 -13.16 33.58
C THR B 191 -1.34 -14.62 33.99
N LYS B 192 -2.07 -15.52 33.33
CA LYS B 192 -1.95 -16.95 33.61
C LYS B 192 -0.58 -17.40 33.12
N THR B 193 -0.13 -18.56 33.57
CA THR B 193 1.18 -19.06 33.17
C THR B 193 1.16 -19.53 31.71
N PRO B 194 2.34 -19.60 31.07
CA PRO B 194 2.40 -20.04 29.68
C PRO B 194 1.74 -21.42 29.50
N LYS B 195 1.96 -22.30 30.47
CA LYS B 195 1.39 -23.65 30.40
C LYS B 195 -0.13 -23.62 30.49
N GLU B 196 -0.66 -22.88 31.45
CA GLU B 196 -2.12 -22.80 31.62
C GLU B 196 -2.76 -22.26 30.34
N ILE B 197 -2.20 -21.19 29.81
CA ILE B 197 -2.72 -20.59 28.59
C ILE B 197 -2.69 -21.56 27.41
N GLN B 198 -1.54 -22.17 27.16
CA GLN B 198 -1.40 -23.10 26.03
C GLN B 198 -2.30 -24.33 26.16
N ILE B 199 -2.43 -24.87 27.36
CA ILE B 199 -3.28 -26.04 27.54
C ILE B 199 -4.73 -25.67 27.24
N GLN B 200 -5.15 -24.49 27.66
CA GLN B 200 -6.52 -24.06 27.40
C GLN B 200 -6.72 -23.84 25.90
N ILE B 201 -5.71 -23.26 25.26
CA ILE B 201 -5.77 -23.02 23.83
C ILE B 201 -5.83 -24.35 23.07
N ARG B 202 -4.99 -25.30 23.47
CA ARG B 202 -4.99 -26.60 22.79
C ARG B 202 -6.33 -27.31 22.95
N LYS B 203 -6.92 -27.22 24.13
CA LYS B 203 -8.20 -27.86 24.38
C LYS B 203 -9.28 -27.24 23.50
N PHE B 204 -9.26 -25.91 23.40
CA PHE B 204 -10.24 -25.17 22.60
C PHE B 204 -10.09 -25.49 21.12
N VAL B 205 -8.88 -25.39 20.60
CA VAL B 205 -8.63 -25.68 19.20
C VAL B 205 -8.97 -27.14 18.89
N GLY B 206 -8.58 -28.03 19.80
CA GLY B 206 -8.87 -29.45 19.60
C GLY B 206 -10.35 -29.72 19.51
N GLU B 207 -11.13 -29.10 20.40
CA GLU B 207 -12.56 -29.28 20.40
C GLU B 207 -13.17 -28.86 19.05
N LEU B 208 -12.45 -27.99 18.35
CA LEU B 208 -12.91 -27.49 17.06
C LEU B 208 -12.41 -28.28 15.85
N ILE B 209 -11.17 -28.77 15.90
CA ILE B 209 -10.62 -29.51 14.76
C ILE B 209 -10.50 -31.02 14.91
N ASP B 210 -10.49 -31.53 16.15
CA ASP B 210 -10.37 -32.97 16.35
C ASP B 210 -11.54 -33.76 15.79
N ASN B 211 -12.72 -33.13 15.72
CA ASN B 211 -13.91 -33.80 15.20
C ASN B 211 -14.21 -33.43 13.75
N SER B 212 -13.27 -32.72 13.13
CA SER B 212 -13.42 -32.31 11.73
C SER B 212 -12.39 -33.10 10.92
N PHE B 213 -11.38 -33.60 11.62
CA PHE B 213 -10.30 -34.36 11.02
C PHE B 213 -10.40 -35.83 11.45
CL CL C . 0.00 3.50 -20.89
CL CL D . 1.24 1.65 -18.74
P PO4 E . 4.45 10.05 -24.72
O1 PO4 E . 3.68 11.20 -24.19
O2 PO4 E . 4.29 8.87 -23.79
O3 PO4 E . 5.92 10.39 -24.80
O4 PO4 E . 3.93 9.72 -26.07
OH2 1PE F . -12.59 7.21 0.63
C12 1PE F . -12.02 8.28 1.39
C22 1PE F . -11.47 7.77 2.71
OH3 1PE F . -12.15 6.58 3.10
C13 1PE F . -12.32 4.89 4.80
C23 1PE F . -11.60 6.16 4.34
OH4 1PE F . -13.65 4.87 4.27
C14 1PE F . -15.68 3.58 4.21
C24 1PE F . -14.25 3.66 4.73
OH5 1PE F . -15.64 3.36 2.80
C15 1PE F . -17.01 3.04 0.85
C25 1PE F . -17.01 3.27 2.36
OH6 1PE F . -16.48 4.21 0.23
C16 1PE F . -15.93 5.22 -1.90
C26 1PE F . -16.48 3.99 -1.18
OH7 1PE F . -14.89 5.82 -1.11
C1 PGE G . -10.29 -2.99 -19.55
O1 PGE G . -11.43 -2.85 -19.96
C2 PGE G . -10.20 -2.47 -18.12
O2 PGE G . -10.20 -3.56 -17.21
C3 PGE G . -10.12 -3.02 -15.90
C4 PGE G . -11.35 -3.43 -15.09
O4 PGE G . -14.07 -0.50 -14.67
C6 PGE G . -14.08 -1.48 -13.62
C5 PGE G . -13.24 -2.70 -14.02
O3 PGE G . -12.10 -2.26 -14.75
C1 PGE H . -17.85 7.30 -26.62
O1 PGE H . -17.95 8.35 -26.00
C2 PGE H . -16.55 6.61 -26.22
O2 PGE H . -16.79 5.22 -25.99
C3 PGE H . -15.54 4.63 -25.62
C4 PGE H . -15.62 3.99 -24.23
O4 PGE H . -18.90 4.26 -21.56
C6 PGE H . -17.57 4.66 -21.19
C5 PGE H . -16.57 3.99 -22.15
O3 PGE H . -16.57 4.66 -23.41
C1 PGE I . -12.39 22.03 -27.73
O1 PGE I . -13.06 21.93 -28.75
C2 PGE I . -11.63 23.35 -27.75
O2 PGE I . -11.32 23.75 -26.41
C3 PGE I . -10.61 24.97 -26.51
C4 PGE I . -11.41 26.05 -25.75
O4 PGE I . -13.27 26.70 -21.65
C6 PGE I . -11.95 26.72 -22.20
C5 PGE I . -12.03 26.87 -23.72
O3 PGE I . -11.28 25.84 -24.34
C1 EDO J . 9.16 31.95 -12.52
O1 EDO J . 8.86 30.78 -12.71
C2 EDO J . 7.91 32.81 -12.57
O2 EDO J . 8.28 34.20 -12.64
C1 EDO K . 10.95 20.31 -0.66
O1 EDO K . 11.69 19.36 -0.91
C2 EDO K . 9.53 19.99 -1.12
O2 EDO K . 9.17 20.88 -2.18
C1 EDO L . 0.73 31.63 -17.92
O1 EDO L . 0.04 32.26 -17.14
C2 EDO L . 1.24 32.56 -19.02
O2 EDO L . 2.63 32.35 -19.19
S1 DTT M . 2.68 -7.17 -12.08
C1 DTT M . 2.02 -5.80 -11.10
C2 DTT M . 1.86 -4.48 -11.85
O2 DTT M . 2.96 -3.64 -11.63
C3 DTT M . 0.58 -3.74 -11.48
O3 DTT M . 0.06 -4.13 -10.23
C4 DTT M . 0.74 -2.24 -11.55
S4 DTT M . 2.18 -1.65 -12.50
N1 EPE N . 12.12 11.85 -7.47
C2 EPE N . 12.45 10.44 -7.56
C3 EPE N . 13.94 10.28 -7.81
N4 EPE N . 14.73 10.99 -6.83
C5 EPE N . 14.31 12.32 -6.46
C6 EPE N . 12.80 12.44 -6.32
C7 EPE N . 16.13 10.64 -6.70
C8 EPE N . 16.82 11.44 -5.60
O8 EPE N . 16.23 11.12 -4.36
C9 EPE N . 10.67 11.99 -7.27
C10 EPE N . 10.33 13.48 -7.24
S EPE N . 8.55 13.82 -7.33
O1S EPE N . 7.83 13.09 -6.32
O2S EPE N . 8.05 13.42 -8.63
O3S EPE N . 8.34 15.25 -7.13
C1 PEG O . 5.11 5.58 -7.27
O1 PEG O . 6.04 6.37 -7.25
C2 PEG O . 4.72 5.28 -8.72
O2 PEG O . 5.66 4.37 -9.29
C3 PEG O . 5.08 3.88 -10.49
C4 PEG O . 6.10 3.96 -11.63
O4 PEG O . 6.43 2.64 -12.07
C1 PEG P . -11.47 -7.19 -2.16
O1 PEG P . -12.18 -6.78 -3.08
C2 PEG P . -10.23 -6.31 -2.05
O2 PEG P . -9.61 -6.17 -3.33
C3 PEG P . -8.21 -6.25 -3.13
C4 PEG P . -7.49 -5.87 -4.43
O4 PEG P . -7.95 -6.70 -5.49
C1 PEG Q . 2.97 12.83 -30.91
O1 PEG Q . 3.41 13.49 -31.85
C2 PEG Q . 4.10 12.57 -29.92
O2 PEG Q . 4.22 11.16 -29.70
C3 PEG Q . 5.61 10.84 -29.83
C4 PEG Q . 5.80 9.33 -29.68
O4 PEG Q . 6.96 8.92 -30.41
C1 PEG R . 2.14 27.85 -29.13
O1 PEG R . 0.98 28.21 -29.17
C2 PEG R . 2.22 26.45 -28.52
O2 PEG R . 3.49 25.88 -28.80
C3 PEG R . 3.27 24.51 -29.12
C4 PEG R . 4.30 24.06 -30.15
O4 PEG R . 4.09 22.67 -30.46
C1 PEG S . -15.76 8.09 -22.86
O1 PEG S . -16.72 8.58 -22.28
C2 PEG S . -14.85 9.21 -23.39
O2 PEG S . -14.41 8.88 -24.70
C3 PEG S . -14.12 10.11 -25.36
C4 PEG S . -14.20 9.92 -26.87
O4 PEG S . -14.70 11.11 -27.48
C1 PEG T . 5.63 -10.05 -12.70
O1 PEG T . 4.71 -9.29 -12.93
C2 PEG T . 6.11 -10.67 -14.02
O2 PEG T . 7.29 -10.01 -14.48
C3 PEG T . 8.09 -10.99 -15.16
C4 PEG T . 7.69 -11.05 -16.65
O4 PEG T . 7.07 -12.32 -16.92
C1 PEG U . -15.69 21.67 -14.69
O1 PEG U . -15.19 21.46 -13.59
C2 PEG U . -16.05 20.33 -15.33
O2 PEG U . -16.84 20.55 -16.49
C3 PEG U . -17.22 19.27 -17.00
C4 PEG U . -16.50 19.01 -18.33
O4 PEG U . -15.29 18.30 -18.10
OH2 1PE V . -12.56 4.61 22.37
C12 1PE V . -11.51 4.99 23.27
C22 1PE V . -10.23 4.26 22.90
OH3 1PE V . -9.83 4.63 21.58
C13 1PE V . -8.16 4.28 19.87
C23 1PE V . -8.62 3.92 21.29
OH4 1PE V . -9.09 3.76 18.94
C14 1PE V . -9.64 3.55 16.61
C24 1PE V . -8.64 4.11 17.63
OH5 1PE V . -10.92 4.14 16.84
C15 1PE V . -13.21 4.14 15.97
C25 1PE V . -11.79 3.58 15.85
OH6 1PE V . -13.53 4.46 17.33
C16 1PE V . -15.32 5.34 18.73
C26 1PE V . -14.87 4.96 17.32
OH7 1PE V . -14.65 4.54 19.71
OH2 1PE W . -18.27 -0.02 2.42
C12 1PE W . -18.70 -0.60 3.65
C22 1PE W . -19.75 0.30 4.33
OH3 1PE W . -19.05 1.13 5.23
C13 1PE W . -18.97 2.84 6.84
C23 1PE W . -19.92 2.04 5.93
OH4 1PE W . -17.73 2.11 6.83
C14 1PE W . -15.48 1.86 7.53
C24 1PE W . -16.75 2.72 7.64
OH5 1PE W . -15.79 0.52 7.11
C15 1PE W . -14.81 -1.66 6.60
C25 1PE W . -14.55 -0.20 7.03
OH6 1PE W . -15.31 -1.78 5.26
C16 1PE W . -16.01 -3.53 3.64
C26 1PE W . -15.47 -3.21 5.05
OH7 1PE W . -15.12 -4.46 2.99
C1 EDO X . -12.29 -11.47 0.83
O1 EDO X . -11.53 -12.08 0.09
C2 EDO X . -11.57 -11.17 2.14
O2 EDO X . -12.54 -11.01 3.18
C1 EDO Y . 19.19 11.90 0.88
O1 EDO Y . 19.43 10.88 1.50
C2 EDO Y . 18.18 12.75 1.65
O2 EDO Y . 17.15 13.18 0.76
C1 EDO Z . -12.42 -20.78 26.86
O1 EDO Z . -13.63 -20.74 26.91
C2 EDO Z . -11.92 -20.26 25.51
O2 EDO Z . -10.63 -20.82 25.23
O1 PG4 AA . -7.48 -9.58 31.00
C1 PG4 AA . -8.79 -9.93 31.44
C2 PG4 AA . -9.74 -8.80 31.08
O2 PG4 AA . -10.61 -9.23 30.05
C3 PG4 AA . -11.45 -8.15 29.72
C4 PG4 AA . -11.19 -7.84 28.24
O3 PG4 AA . -12.16 -6.93 27.74
C5 PG4 AA . -11.80 -6.75 26.36
C6 PG4 AA . -12.78 -5.78 25.72
O4 PG4 AA . -12.86 -4.63 26.55
C7 PG4 AA . -13.77 -3.73 25.95
C8 PG4 AA . -13.86 -2.49 26.83
O5 PG4 AA . -12.53 -2.02 27.10
C1 PEG BA . -8.43 9.56 3.72
O1 PEG BA . -8.13 10.57 3.10
C2 PEG BA . -7.34 8.50 3.56
O2 PEG BA . -6.23 8.83 4.39
C3 PEG BA . -5.76 7.61 4.96
C4 PEG BA . -5.15 7.90 6.32
O4 PEG BA . -6.18 8.07 7.30
C1 PEG CA . 19.71 11.76 10.75
O1 PEG CA . 20.27 10.68 10.57
C2 PEG CA . 20.57 12.87 10.13
O2 PEG CA . 19.81 14.07 10.07
C3 PEG CA . 20.23 14.78 8.91
C4 PEG CA . 19.10 14.78 7.87
O4 PEG CA . 19.33 15.80 6.90
C1 PEG DA . 8.85 3.64 14.06
O1 PEG DA . 9.47 2.59 14.00
C2 PEG DA . 8.61 4.16 12.64
O2 PEG DA . 7.31 4.77 12.57
C3 PEG DA . 7.48 6.04 11.95
C4 PEG DA . 6.11 6.56 11.48
O4 PEG DA . 5.64 7.55 12.39
C1 PEG EA . 12.30 3.82 33.86
O1 PEG EA . 12.04 4.56 34.79
C2 PEG EA . 12.04 2.36 34.27
O2 PEG EA . 10.71 2.24 34.76
C3 PEG EA . 10.15 1.06 34.19
C4 PEG EA . 8.84 0.72 34.90
O4 PEG EA . 8.15 1.92 35.25
#